data_6ZZ2
#
_entry.id   6ZZ2
#
_cell.length_a   45.401
_cell.length_b   73.178
_cell.length_c   52.659
_cell.angle_alpha   90.000
_cell.angle_beta   109.762
_cell.angle_gamma   90.000
#
_symmetry.space_group_name_H-M   'P 1 21 1'
#
loop_
_entity.id
_entity.type
_entity.pdbx_description
1 polymer Endothiapepsin
2 non-polymer N-methyl-1-[5-(pyridin-3-yloxy)furan-2-yl]methanamine
3 non-polymer 'DIMETHYL SULFOXIDE'
4 non-polymer GLYCEROL
5 water water
#
_entity_poly.entity_id   1
_entity_poly.type   'polypeptide(L)'
_entity_poly.pdbx_seq_one_letter_code
;MSSPLKNALVTAMLAGGALSSPTKQHVGIPVNASPEVGPGKYSFKQVRNPNYKFNGPLSVKKTYLKYGVPIPAWLEDAVQ
NSTSGLAERSTGSATTTPIDSLDDAYITPVQIGTPAQTLNLDFDTGSSDLWVFSSETTASEVDGQTIYTPSKSTTAKLLS
GATWSISYGDGSSSSGDVYTDTVSVGGLTVTGQAVESAKKVSSSFTEDSTIDGLLGLAFSTLNTVSPTQQKTFFDNAKAS
LDSPVFTADLGYHAPGTYNFGFIDTTAYTGSITYTAVSTKQGFWEWTSTGYAVGSGTFKSTSIDGIADTGTTLLYLPATV
VSAYWAQVSGAKSSSSVGGYVFPCSATLPSFTFGVGSARIVIPGDYIDFGPISTGSSSCFGGIQSSAGIGINIFGDVALK
AAFVVFNGATTPTLGFASK
;
_entity_poly.pdbx_strand_id   A
#
# COMPACT_ATOMS: atom_id res chain seq x y z
N SER A 90 -13.42 -11.68 16.56
CA SER A 90 -12.01 -12.09 16.33
C SER A 90 -11.17 -10.87 15.98
N THR A 91 -9.86 -11.06 16.03
CA THR A 91 -8.88 -10.06 15.61
C THR A 91 -7.69 -10.79 14.98
N GLY A 92 -6.86 -10.02 14.27
CA GLY A 92 -5.56 -10.47 13.83
C GLY A 92 -4.54 -9.36 13.93
N SER A 93 -3.27 -9.75 14.04
CA SER A 93 -2.17 -8.79 14.14
C SER A 93 -0.94 -9.39 13.50
N ALA A 94 -0.35 -8.71 12.52
CA ALA A 94 0.81 -9.23 11.80
C ALA A 94 1.82 -8.10 11.63
N THR A 95 3.09 -8.45 11.74
CA THR A 95 4.16 -7.50 11.49
C THR A 95 4.41 -7.37 10.00
N THR A 96 4.63 -6.13 9.54
CA THR A 96 4.96 -5.83 8.17
C THR A 96 6.36 -5.25 8.13
N THR A 97 7.16 -5.65 7.14
CA THR A 97 8.60 -5.40 7.14
C THR A 97 9.00 -4.79 5.80
N PRO A 98 9.79 -3.72 5.77
CA PRO A 98 10.28 -3.19 4.49
C PRO A 98 11.08 -4.24 3.73
N ILE A 99 10.93 -4.22 2.39
CA ILE A 99 11.63 -5.19 1.56
C ILE A 99 13.09 -4.85 1.36
N ASP A 100 13.49 -3.60 1.60
CA ASP A 100 14.83 -3.13 1.31
C ASP A 100 15.09 -1.89 2.15
N SER A 101 16.30 -1.34 2.00
CA SER A 101 16.75 -0.24 2.85
C SER A 101 16.09 1.08 2.53
N LEU A 102 15.29 1.15 1.46
CA LEU A 102 14.60 2.36 1.05
C LEU A 102 13.11 2.35 1.40
N ASP A 103 12.60 1.26 1.97
CA ASP A 103 11.16 1.11 2.18
C ASP A 103 10.41 1.13 0.84
N ASP A 104 10.92 0.44 -0.17
CA ASP A 104 10.25 0.46 -1.47
C ASP A 104 8.88 -0.22 -1.42
N ALA A 105 8.71 -1.14 -0.50
CA ALA A 105 7.44 -1.81 -0.27
C ALA A 105 7.57 -2.53 1.05
N TYR A 106 6.45 -3.08 1.51
CA TYR A 106 6.38 -3.78 2.78
C TYR A 106 5.77 -5.15 2.53
N ILE A 107 6.30 -6.17 3.21
CA ILE A 107 5.78 -7.52 3.12
C ILE A 107 5.31 -8.02 4.48
N THR A 108 4.23 -8.81 4.46
CA THR A 108 3.57 -9.32 5.63
C THR A 108 3.34 -10.81 5.44
N PRO A 109 3.70 -11.66 6.41
CA PRO A 109 3.51 -13.10 6.21
C PRO A 109 2.02 -13.47 6.29
N VAL A 110 1.62 -14.38 5.40
CA VAL A 110 0.24 -14.83 5.25
C VAL A 110 0.28 -16.34 5.13
N GLN A 111 -0.58 -17.01 5.90
CA GLN A 111 -0.71 -18.46 5.85
C GLN A 111 -1.83 -18.86 4.89
N ILE A 112 -1.51 -19.72 3.93
CA ILE A 112 -2.48 -20.18 2.94
C ILE A 112 -2.51 -21.69 2.93
N GLY A 113 -3.70 -22.28 3.01
CA GLY A 113 -3.86 -23.71 2.82
C GLY A 113 -3.62 -24.54 4.07
N THR A 114 -3.75 -25.86 3.88
CA THR A 114 -3.63 -26.84 4.94
C THR A 114 -2.78 -28.01 4.44
N PRO A 115 -1.63 -28.32 5.06
CA PRO A 115 -0.97 -27.51 6.08
C PRO A 115 -0.61 -26.11 5.55
N ALA A 116 -0.35 -25.19 6.46
CA ALA A 116 -0.08 -23.82 6.07
C ALA A 116 1.10 -23.73 5.12
N GLN A 117 0.96 -22.88 4.12
CA GLN A 117 2.05 -22.42 3.28
C GLN A 117 2.17 -20.92 3.54
N THR A 118 3.32 -20.48 4.05
CA THR A 118 3.49 -19.08 4.40
C THR A 118 4.17 -18.33 3.26
N LEU A 119 3.47 -17.32 2.74
CA LEU A 119 3.97 -16.44 1.69
C LEU A 119 4.01 -15.02 2.23
N ASN A 120 4.97 -14.23 1.74
CA ASN A 120 5.13 -12.84 2.17
C ASN A 120 4.47 -11.94 1.12
N LEU A 121 3.34 -11.35 1.50
CA LEU A 121 2.52 -10.60 0.55
C LEU A 121 2.60 -9.11 0.83
N ASP A 122 2.42 -8.34 -0.25
CA ASP A 122 2.36 -6.88 -0.19
C ASP A 122 0.92 -6.47 0.01
N PHE A 123 0.59 -6.00 1.22
CA PHE A 123 -0.77 -5.58 1.53
C PHE A 123 -1.02 -4.24 0.86
N ASP A 124 -2.05 -4.18 0.01
CA ASP A 124 -2.25 -3.07 -0.93
C ASP A 124 -3.66 -2.50 -0.79
N THR A 125 -3.80 -1.38 -0.08
CA THR A 125 -5.10 -0.72 0.07
C THR A 125 -5.58 0.00 -1.19
N GLY A 126 -4.79 -0.07 -2.26
CA GLY A 126 -5.18 0.45 -3.55
C GLY A 126 -5.60 -0.58 -4.58
N SER A 127 -5.72 -1.84 -4.20
CA SER A 127 -6.25 -2.84 -5.12
C SER A 127 -6.99 -3.89 -4.32
N SER A 128 -7.61 -4.84 -5.04
CA SER A 128 -8.62 -5.70 -4.40
C SER A 128 -8.50 -7.16 -4.80
N ASP A 129 -7.31 -7.59 -5.24
CA ASP A 129 -7.04 -8.98 -5.58
C ASP A 129 -5.98 -9.52 -4.62
N LEU A 130 -6.21 -10.74 -4.13
CA LEU A 130 -5.22 -11.51 -3.38
C LEU A 130 -4.65 -12.50 -4.37
N TRP A 131 -3.43 -12.25 -4.85
CA TRP A 131 -2.82 -13.13 -5.83
C TRP A 131 -1.42 -13.51 -5.38
N VAL A 132 -0.99 -14.69 -5.83
CA VAL A 132 0.26 -15.27 -5.37
C VAL A 132 1.03 -15.91 -6.52
N PHE A 133 2.36 -15.85 -6.40
CA PHE A 133 3.20 -16.76 -7.16
C PHE A 133 2.81 -18.19 -6.78
N SER A 134 2.86 -19.09 -7.76
CA SER A 134 2.32 -20.43 -7.52
C SER A 134 3.06 -21.47 -8.35
N SER A 135 2.71 -22.73 -8.10
CA SER A 135 3.17 -23.84 -8.91
C SER A 135 2.71 -23.73 -10.36
N GLU A 136 1.77 -22.84 -10.66
CA GLU A 136 1.29 -22.62 -12.02
C GLU A 136 2.02 -21.47 -12.71
N THR A 137 2.82 -20.69 -12.01
CA THR A 137 3.49 -19.54 -12.62
C THR A 137 4.56 -20.03 -13.60
N THR A 138 4.53 -19.46 -14.80
CA THR A 138 5.55 -19.73 -15.82
C THR A 138 6.92 -19.75 -15.16
N ALA A 139 7.65 -20.85 -15.36
CA ALA A 139 8.85 -21.09 -14.57
C ALA A 139 9.91 -20.00 -14.78
N SER A 140 10.05 -19.51 -16.01
CA SER A 140 11.05 -18.48 -16.30
C SER A 140 10.72 -17.14 -15.66
N GLU A 141 9.50 -17.00 -15.12
CA GLU A 141 9.08 -15.77 -14.48
C GLU A 141 9.14 -15.84 -12.96
N VAL A 142 9.64 -16.95 -12.41
CA VAL A 142 9.86 -17.11 -10.97
C VAL A 142 11.35 -17.04 -10.74
N ASP A 143 11.77 -16.15 -9.83
CA ASP A 143 13.19 -15.95 -9.53
C ASP A 143 13.36 -15.66 -8.03
N GLY A 144 13.17 -16.70 -7.21
CA GLY A 144 13.43 -16.61 -5.79
C GLY A 144 12.20 -16.47 -4.91
N GLN A 145 11.02 -16.24 -5.50
CA GLN A 145 9.80 -16.13 -4.70
C GLN A 145 9.40 -17.47 -4.11
N THR A 146 8.71 -17.41 -2.98
CA THR A 146 8.03 -18.59 -2.47
C THR A 146 6.70 -18.75 -3.20
N ILE A 147 6.40 -19.98 -3.57
CA ILE A 147 5.20 -20.27 -4.35
C ILE A 147 4.17 -21.02 -3.50
N TYR A 148 2.90 -20.75 -3.82
CA TYR A 148 1.77 -21.52 -3.31
C TYR A 148 1.52 -22.69 -4.25
N THR A 149 1.42 -23.89 -3.68
CA THR A 149 1.15 -25.11 -4.44
C THR A 149 -0.21 -25.64 -4.01
N PRO A 150 -1.28 -25.34 -4.74
CA PRO A 150 -2.60 -25.77 -4.27
C PRO A 150 -2.75 -27.27 -4.17
N SER A 151 -2.04 -28.03 -5.01
CA SER A 151 -2.18 -29.49 -4.96
C SER A 151 -1.68 -30.07 -3.65
N LYS A 152 -0.93 -29.30 -2.86
CA LYS A 152 -0.46 -29.76 -1.55
C LYS A 152 -1.34 -29.29 -0.41
N SER A 153 -2.43 -28.59 -0.72
CA SER A 153 -3.35 -28.08 0.30
C SER A 153 -4.64 -28.91 0.28
N THR A 154 -4.97 -29.52 1.41
CA THR A 154 -6.17 -30.35 1.47
C THR A 154 -7.44 -29.52 1.48
N THR A 155 -7.35 -28.21 1.71
CA THR A 155 -8.51 -27.34 1.69
C THR A 155 -8.64 -26.53 0.41
N ALA A 156 -7.69 -26.64 -0.53
CA ALA A 156 -7.78 -25.89 -1.78
C ALA A 156 -8.81 -26.49 -2.71
N LYS A 157 -9.57 -25.63 -3.38
CA LYS A 157 -10.51 -26.05 -4.39
C LYS A 157 -10.39 -25.12 -5.59
N LEU A 158 -10.31 -25.68 -6.79
CA LEU A 158 -10.32 -24.85 -8.00
C LEU A 158 -11.66 -24.13 -8.08
N LEU A 159 -11.63 -22.84 -8.34
CA LEU A 159 -12.85 -22.08 -8.59
C LEU A 159 -13.07 -22.19 -10.10
N SER A 160 -13.93 -23.11 -10.50
CA SER A 160 -13.97 -23.56 -11.89
C SER A 160 -14.38 -22.43 -12.80
N GLY A 161 -13.60 -22.23 -13.87
CA GLY A 161 -13.88 -21.25 -14.88
C GLY A 161 -13.42 -19.84 -14.55
N ALA A 162 -12.94 -19.59 -13.34
CA ALA A 162 -12.61 -18.24 -12.93
C ALA A 162 -11.19 -17.87 -13.36
N THR A 163 -11.04 -16.66 -13.90
CA THR A 163 -9.74 -16.13 -14.25
C THR A 163 -9.62 -14.70 -13.72
N TRP A 164 -8.39 -14.18 -13.71
CA TRP A 164 -8.15 -12.84 -13.23
C TRP A 164 -7.01 -12.26 -14.04
N SER A 165 -6.98 -10.93 -14.09
CA SER A 165 -5.93 -10.21 -14.83
C SER A 165 -5.93 -8.78 -14.32
N ILE A 166 -4.77 -8.30 -13.90
CA ILE A 166 -4.68 -6.98 -13.28
C ILE A 166 -3.44 -6.24 -13.77
N SER A 167 -3.58 -4.91 -13.84
N SER A 167 -3.53 -4.91 -13.79
CA SER A 167 -2.48 -4.01 -14.11
CA SER A 167 -2.37 -4.08 -14.10
C SER A 167 -2.39 -3.03 -12.94
C SER A 167 -2.37 -2.87 -13.16
N TYR A 168 -1.18 -2.54 -12.67
CA TYR A 168 -0.99 -1.58 -11.60
C TYR A 168 -0.42 -0.28 -12.18
N GLY A 169 -0.43 0.75 -11.34
CA GLY A 169 -0.08 2.10 -11.76
C GLY A 169 1.37 2.27 -12.17
N ASP A 170 2.24 1.35 -11.77
CA ASP A 170 3.63 1.38 -12.16
C ASP A 170 3.90 0.62 -13.45
N GLY A 171 2.85 0.16 -14.14
CA GLY A 171 3.00 -0.55 -15.40
C GLY A 171 3.15 -2.06 -15.28
N SER A 172 3.18 -2.58 -14.06
CA SER A 172 3.30 -4.02 -13.87
C SER A 172 1.94 -4.70 -13.98
N SER A 173 1.96 -6.03 -14.12
CA SER A 173 0.73 -6.79 -14.32
C SER A 173 0.95 -8.26 -13.98
N SER A 174 -0.17 -8.96 -13.82
CA SER A 174 -0.18 -10.40 -13.56
C SER A 174 -1.57 -10.94 -13.88
N SER A 175 -1.64 -12.25 -14.08
CA SER A 175 -2.91 -12.89 -14.43
C SER A 175 -2.85 -14.39 -14.15
N GLY A 176 -4.01 -15.02 -14.05
CA GLY A 176 -4.03 -16.46 -13.84
C GLY A 176 -5.42 -17.01 -13.59
N ASP A 177 -5.47 -18.09 -12.82
CA ASP A 177 -6.70 -18.76 -12.44
C ASP A 177 -6.89 -18.64 -10.92
N VAL A 178 -7.91 -19.31 -10.38
CA VAL A 178 -8.38 -18.99 -9.03
C VAL A 178 -8.70 -20.27 -8.27
N TYR A 179 -8.26 -20.31 -7.02
CA TYR A 179 -8.62 -21.33 -6.04
C TYR A 179 -9.33 -20.65 -4.89
N THR A 180 -10.10 -21.42 -4.13
CA THR A 180 -10.47 -20.97 -2.80
C THR A 180 -9.70 -21.81 -1.79
N ASP A 181 -9.32 -21.19 -0.67
CA ASP A 181 -8.55 -21.88 0.34
C ASP A 181 -8.68 -21.09 1.64
N THR A 182 -8.15 -21.69 2.70
CA THR A 182 -8.10 -21.05 4.02
C THR A 182 -6.92 -20.11 4.08
N VAL A 183 -7.15 -18.86 4.48
CA VAL A 183 -6.12 -17.83 4.54
C VAL A 183 -6.14 -17.22 5.92
N SER A 184 -4.98 -17.13 6.56
CA SER A 184 -4.86 -16.56 7.88
C SER A 184 -3.80 -15.47 7.90
N VAL A 185 -4.13 -14.38 8.58
CA VAL A 185 -3.24 -13.24 8.76
C VAL A 185 -3.16 -12.96 10.25
N GLY A 186 -1.98 -13.17 10.82
CA GLY A 186 -1.79 -12.74 12.18
C GLY A 186 -2.76 -13.37 13.13
N GLY A 187 -3.17 -14.63 12.88
CA GLY A 187 -4.11 -15.32 13.73
C GLY A 187 -5.57 -15.22 13.33
N LEU A 188 -5.93 -14.37 12.38
CA LEU A 188 -7.31 -14.23 11.90
C LEU A 188 -7.48 -15.08 10.65
N THR A 189 -8.47 -15.97 10.66
CA THR A 189 -8.66 -16.95 9.60
C THR A 189 -9.94 -16.68 8.81
N VAL A 190 -9.84 -16.75 7.48
CA VAL A 190 -10.98 -16.75 6.57
C VAL A 190 -10.95 -18.07 5.82
N THR A 191 -12.05 -18.81 5.86
CA THR A 191 -12.20 -19.99 5.00
C THR A 191 -12.87 -19.58 3.69
N GLY A 192 -12.53 -20.28 2.61
CA GLY A 192 -13.14 -19.99 1.33
C GLY A 192 -12.68 -18.71 0.69
N GLN A 193 -11.54 -18.18 1.08
CA GLN A 193 -10.98 -16.99 0.46
C GLN A 193 -10.51 -17.28 -0.98
N ALA A 194 -10.85 -16.39 -1.92
CA ALA A 194 -10.30 -16.50 -3.26
C ALA A 194 -8.81 -16.18 -3.24
N VAL A 195 -8.02 -17.16 -3.69
CA VAL A 195 -6.57 -17.04 -3.80
C VAL A 195 -6.30 -17.16 -5.29
N GLU A 196 -5.86 -16.05 -5.89
CA GLU A 196 -5.68 -15.95 -7.31
C GLU A 196 -4.26 -16.39 -7.64
N SER A 197 -4.14 -17.47 -8.39
CA SER A 197 -2.86 -18.11 -8.69
C SER A 197 -2.32 -17.54 -9.99
N ALA A 198 -1.11 -16.99 -9.95
CA ALA A 198 -0.54 -16.39 -11.15
C ALA A 198 -0.06 -17.46 -12.10
N LYS A 199 -0.50 -17.37 -13.35
CA LYS A 199 0.12 -18.06 -14.45
C LYS A 199 1.20 -17.22 -15.12
N LYS A 200 1.04 -15.90 -15.13
CA LYS A 200 1.97 -14.96 -15.74
C LYS A 200 2.14 -13.78 -14.82
N VAL A 201 3.37 -13.27 -14.74
CA VAL A 201 3.66 -12.03 -14.03
C VAL A 201 4.62 -11.23 -14.90
N SER A 202 4.56 -9.90 -14.78
CA SER A 202 5.43 -9.05 -15.55
C SER A 202 6.83 -8.98 -14.91
N SER A 203 7.77 -8.40 -15.67
CA SER A 203 9.17 -8.49 -15.31
C SER A 203 9.48 -7.88 -13.93
N SER A 204 8.81 -6.80 -13.54
CA SER A 204 9.16 -6.20 -12.27
C SER A 204 8.71 -7.04 -11.09
N PHE A 205 7.71 -7.91 -11.27
CA PHE A 205 7.38 -8.89 -10.23
C PHE A 205 8.45 -9.97 -10.16
N THR A 206 8.84 -10.52 -11.31
CA THR A 206 9.91 -11.53 -11.33
C THR A 206 11.16 -11.00 -10.65
N GLU A 207 11.49 -9.74 -10.89
CA GLU A 207 12.72 -9.14 -10.39
C GLU A 207 12.67 -8.84 -8.89
N ASP A 208 11.48 -8.87 -8.27
N ASP A 208 11.49 -8.80 -8.29
CA ASP A 208 11.29 -8.57 -6.84
CA ASP A 208 11.43 -8.57 -6.86
C ASP A 208 11.19 -9.90 -6.07
C ASP A 208 11.23 -9.93 -6.18
N SER A 209 12.34 -10.50 -5.76
CA SER A 209 12.32 -11.82 -5.15
C SER A 209 11.68 -11.84 -3.78
N THR A 210 11.52 -10.68 -3.14
CA THR A 210 10.99 -10.62 -1.78
C THR A 210 9.46 -10.57 -1.71
N ILE A 211 8.77 -10.34 -2.82
CA ILE A 211 7.33 -10.19 -2.83
C ILE A 211 6.73 -11.44 -3.49
N ASP A 212 5.98 -12.22 -2.70
CA ASP A 212 5.38 -13.47 -3.17
C ASP A 212 3.98 -13.28 -3.71
N GLY A 213 3.46 -12.06 -3.72
CA GLY A 213 2.12 -11.75 -4.19
C GLY A 213 1.61 -10.52 -3.47
N LEU A 214 0.35 -10.21 -3.76
CA LEU A 214 -0.32 -9.04 -3.20
C LEU A 214 -1.57 -9.48 -2.44
N LEU A 215 -1.93 -8.74 -1.41
CA LEU A 215 -3.19 -8.92 -0.70
C LEU A 215 -3.93 -7.60 -0.75
N GLY A 216 -4.95 -7.52 -1.60
CA GLY A 216 -5.67 -6.28 -1.80
C GLY A 216 -6.65 -5.98 -0.67
N LEU A 217 -6.70 -4.69 -0.31
CA LEU A 217 -7.51 -4.18 0.79
C LEU A 217 -8.33 -2.96 0.40
N ALA A 218 -8.44 -2.66 -0.89
CA ALA A 218 -9.43 -1.69 -1.38
C ALA A 218 -10.80 -2.36 -1.41
N PHE A 219 -11.78 -1.71 -2.02
CA PHE A 219 -13.14 -2.25 -1.98
C PHE A 219 -13.30 -3.36 -3.02
N SER A 220 -14.16 -4.33 -2.69
CA SER A 220 -14.24 -5.54 -3.52
C SER A 220 -14.79 -5.25 -4.91
N THR A 221 -15.42 -4.10 -5.12
CA THR A 221 -15.87 -3.70 -6.45
C THR A 221 -14.73 -3.61 -7.46
N LEU A 222 -13.47 -3.48 -7.02
CA LEU A 222 -12.31 -3.47 -7.92
C LEU A 222 -11.75 -4.86 -8.22
N ASN A 223 -12.24 -5.91 -7.57
CA ASN A 223 -11.66 -7.23 -7.77
C ASN A 223 -11.81 -7.66 -9.23
N THR A 224 -10.77 -8.25 -9.81
CA THR A 224 -10.75 -8.53 -11.24
C THR A 224 -11.21 -9.94 -11.61
N VAL A 225 -11.61 -10.78 -10.67
CA VAL A 225 -11.99 -12.14 -11.03
C VAL A 225 -13.23 -12.13 -11.89
N SER A 226 -13.21 -12.95 -12.94
CA SER A 226 -14.29 -13.11 -13.88
C SER A 226 -14.56 -14.58 -14.09
N PRO A 227 -15.83 -15.00 -14.24
CA PRO A 227 -17.02 -14.17 -14.39
C PRO A 227 -17.71 -13.81 -13.08
N THR A 228 -17.22 -14.31 -11.96
CA THR A 228 -17.83 -14.09 -10.65
C THR A 228 -16.81 -13.33 -9.80
N GLN A 229 -17.07 -12.06 -9.59
CA GLN A 229 -16.16 -11.21 -8.83
C GLN A 229 -16.08 -11.74 -7.39
N GLN A 230 -14.88 -11.62 -6.80
CA GLN A 230 -14.59 -12.16 -5.48
C GLN A 230 -14.34 -11.05 -4.48
N LYS A 231 -14.51 -11.39 -3.20
CA LYS A 231 -14.33 -10.46 -2.08
C LYS A 231 -12.90 -10.46 -1.55
N THR A 232 -12.50 -9.30 -1.05
CA THR A 232 -11.20 -9.21 -0.38
C THR A 232 -11.19 -9.97 0.95
N PHE A 233 -9.98 -10.19 1.43
CA PHE A 233 -9.79 -10.82 2.74
C PHE A 233 -10.51 -10.04 3.84
N PHE A 234 -10.39 -8.71 3.81
CA PHE A 234 -11.06 -7.88 4.80
C PHE A 234 -12.57 -7.98 4.69
N ASP A 235 -13.11 -7.92 3.48
CA ASP A 235 -14.56 -8.04 3.29
CA ASP A 235 -14.56 -8.03 3.35
C ASP A 235 -15.07 -9.37 3.83
N ASN A 236 -14.33 -10.45 3.56
CA ASN A 236 -14.75 -11.77 4.06
C ASN A 236 -14.64 -11.86 5.58
N ALA A 237 -13.64 -11.23 6.17
CA ALA A 237 -13.44 -11.31 7.62
C ALA A 237 -14.36 -10.40 8.41
N LYS A 238 -14.89 -9.36 7.77
CA LYS A 238 -15.42 -8.21 8.51
C LYS A 238 -16.47 -8.61 9.53
N ALA A 239 -17.41 -9.48 9.15
CA ALA A 239 -18.53 -9.77 10.04
C ALA A 239 -18.05 -10.46 11.31
N SER A 240 -16.91 -11.15 11.26
N SER A 240 -16.93 -11.17 11.24
CA SER A 240 -16.37 -11.88 12.38
CA SER A 240 -16.38 -11.88 12.40
C SER A 240 -15.46 -11.04 13.25
C SER A 240 -15.62 -10.95 13.32
N LEU A 241 -15.07 -9.86 12.78
CA LEU A 241 -14.18 -9.01 13.54
C LEU A 241 -14.88 -8.35 14.73
N ASP A 242 -14.10 -8.07 15.78
CA ASP A 242 -14.66 -7.36 16.93
C ASP A 242 -15.18 -5.99 16.53
N SER A 243 -14.50 -5.33 15.61
CA SER A 243 -14.86 -4.04 15.06
C SER A 243 -14.50 -4.10 13.58
N PRO A 244 -15.30 -3.48 12.69
CA PRO A 244 -15.11 -3.68 11.23
C PRO A 244 -14.04 -2.76 10.66
N VAL A 245 -12.79 -2.94 11.13
CA VAL A 245 -11.69 -2.05 10.83
C VAL A 245 -10.42 -2.85 10.60
N PHE A 246 -9.49 -2.21 9.90
CA PHE A 246 -8.09 -2.63 9.96
C PHE A 246 -7.24 -1.37 10.06
N THR A 247 -6.02 -1.52 10.56
CA THR A 247 -5.12 -0.40 10.74
C THR A 247 -3.76 -0.71 10.12
N ALA A 248 -3.17 0.34 9.55
CA ALA A 248 -1.83 0.29 8.98
C ALA A 248 -0.91 1.18 9.82
N ASP A 249 0.16 0.58 10.32
CA ASP A 249 1.17 1.29 11.11
C ASP A 249 2.53 0.95 10.51
N LEU A 250 2.86 1.61 9.40
CA LEU A 250 4.08 1.30 8.67
C LEU A 250 5.26 2.00 9.32
N GLY A 251 6.42 1.31 9.36
CA GLY A 251 7.61 1.89 9.92
C GLY A 251 8.48 2.59 8.88
N TYR A 252 9.26 3.56 9.34
CA TYR A 252 10.31 4.18 8.54
C TYR A 252 11.58 3.39 8.79
N HIS A 253 12.06 2.70 7.76
CA HIS A 253 13.27 1.90 7.84
C HIS A 253 13.20 0.94 9.03
N ALA A 254 12.01 0.39 9.28
CA ALA A 254 11.79 -0.43 10.46
C ALA A 254 10.48 -1.20 10.28
N PRO A 255 10.29 -2.31 10.98
CA PRO A 255 9.01 -3.02 10.90
C PRO A 255 7.87 -2.23 11.52
N GLY A 256 6.66 -2.66 11.17
CA GLY A 256 5.43 -2.06 11.63
C GLY A 256 4.37 -3.13 11.72
N THR A 257 3.08 -2.72 11.74
CA THR A 257 2.00 -3.64 12.05
C THR A 257 0.77 -3.38 11.21
N TYR A 258 0.12 -4.46 10.78
CA TYR A 258 -1.27 -4.46 10.31
C TYR A 258 -2.12 -5.18 11.35
N ASN A 259 -3.14 -4.50 11.86
CA ASN A 259 -4.10 -5.08 12.78
C ASN A 259 -5.47 -5.15 12.12
N PHE A 260 -6.21 -6.20 12.42
CA PHE A 260 -7.57 -6.40 11.94
C PHE A 260 -8.50 -6.55 13.13
N GLY A 261 -9.56 -5.75 13.15
CA GLY A 261 -10.61 -5.92 14.12
C GLY A 261 -10.48 -5.13 15.39
N PHE A 262 -9.42 -4.33 15.56
CA PHE A 262 -9.26 -3.55 16.79
C PHE A 262 -8.28 -2.42 16.52
N ILE A 263 -8.39 -1.39 17.33
CA ILE A 263 -7.52 -0.22 17.33
C ILE A 263 -6.63 -0.31 18.57
N ASP A 264 -5.31 -0.38 18.33
CA ASP A 264 -4.33 -0.45 19.40
C ASP A 264 -4.09 0.97 19.89
N THR A 265 -4.70 1.31 21.02
CA THR A 265 -4.62 2.67 21.52
C THR A 265 -3.23 3.01 22.06
N THR A 266 -2.32 2.04 22.17
CA THR A 266 -0.93 2.31 22.54
C THR A 266 -0.06 2.65 21.33
N ALA A 267 -0.58 2.56 20.12
CA ALA A 267 0.25 2.67 18.91
C ALA A 267 0.30 4.08 18.32
N TYR A 268 -0.36 5.05 18.94
CA TYR A 268 -0.39 6.40 18.40
C TYR A 268 -0.42 7.40 19.53
N THR A 269 -0.11 8.64 19.20
CA THR A 269 -0.16 9.75 20.15
C THR A 269 -1.40 10.59 19.85
N GLY A 270 -1.87 11.31 20.86
CA GLY A 270 -3.01 12.19 20.65
C GLY A 270 -4.27 11.41 20.29
N SER A 271 -5.12 12.01 19.47
N SER A 271 -5.10 12.01 19.44
CA SER A 271 -6.37 11.41 19.05
CA SER A 271 -6.36 11.41 19.03
C SER A 271 -6.33 11.06 17.55
C SER A 271 -6.34 11.07 17.54
N ILE A 272 -7.26 10.20 17.16
CA ILE A 272 -7.44 9.83 15.75
C ILE A 272 -8.47 10.79 15.15
N THR A 273 -8.11 11.46 14.04
CA THR A 273 -9.03 12.31 13.31
C THR A 273 -9.60 11.53 12.14
N TYR A 274 -10.92 11.38 12.13
CA TYR A 274 -11.61 10.68 11.07
C TYR A 274 -12.10 11.64 10.00
N THR A 275 -12.08 11.17 8.77
CA THR A 275 -12.45 11.98 7.60
C THR A 275 -13.23 11.13 6.61
N ALA A 276 -14.09 11.78 5.83
CA ALA A 276 -15.00 11.08 4.94
C ALA A 276 -14.28 10.36 3.80
N VAL A 277 -14.89 9.28 3.34
CA VAL A 277 -14.38 8.47 2.24
C VAL A 277 -15.45 8.38 1.16
N SER A 278 -15.04 8.49 -0.10
CA SER A 278 -15.86 8.11 -1.23
C SER A 278 -15.39 6.76 -1.73
N THR A 279 -16.34 5.83 -1.88
CA THR A 279 -16.05 4.52 -2.43
C THR A 279 -16.39 4.42 -3.91
N LYS A 280 -16.74 5.55 -4.55
CA LYS A 280 -17.26 5.50 -5.91
C LYS A 280 -16.25 4.98 -6.92
N GLN A 281 -14.96 5.15 -6.68
CA GLN A 281 -13.92 4.61 -7.57
C GLN A 281 -13.32 3.31 -7.03
N GLY A 282 -13.85 2.76 -5.93
CA GLY A 282 -13.34 1.54 -5.34
C GLY A 282 -12.18 1.71 -4.38
N PHE A 283 -11.73 2.94 -4.15
CA PHE A 283 -10.57 3.23 -3.34
C PHE A 283 -10.98 3.82 -2.00
N TRP A 284 -10.01 3.87 -1.08
CA TRP A 284 -10.13 4.63 0.16
C TRP A 284 -9.79 6.08 -0.19
N GLU A 285 -10.75 6.77 -0.81
CA GLU A 285 -10.58 8.08 -1.40
C GLU A 285 -11.12 9.12 -0.43
N TRP A 286 -10.31 10.13 -0.16
CA TRP A 286 -10.59 11.13 0.87
C TRP A 286 -10.08 12.48 0.39
N THR A 287 -10.31 13.52 1.18
CA THR A 287 -9.88 14.88 0.83
C THR A 287 -9.04 15.47 1.95
N SER A 288 -7.75 15.66 1.68
CA SER A 288 -6.89 16.38 2.60
C SER A 288 -7.25 17.87 2.58
N THR A 289 -7.05 18.51 3.73
CA THR A 289 -7.40 19.90 3.90
C THR A 289 -6.25 20.87 3.61
N GLY A 290 -5.06 20.39 3.25
CA GLY A 290 -4.01 21.28 2.82
C GLY A 290 -2.63 20.78 3.17
N TYR A 291 -1.65 21.68 3.09
CA TYR A 291 -0.27 21.25 3.28
C TYR A 291 0.60 22.40 3.74
N ALA A 292 1.77 22.03 4.26
CA ALA A 292 2.84 22.97 4.57
C ALA A 292 4.16 22.32 4.17
N VAL A 293 5.13 23.16 3.83
CA VAL A 293 6.49 22.73 3.50
C VAL A 293 7.42 23.21 4.62
N GLY A 294 8.10 22.26 5.27
CA GLY A 294 9.01 22.62 6.36
C GLY A 294 8.28 23.41 7.42
N SER A 295 8.89 24.51 7.87
N SER A 295 8.93 24.49 7.87
CA SER A 295 8.31 25.35 8.89
CA SER A 295 8.38 25.39 8.87
C SER A 295 7.37 26.39 8.33
C SER A 295 7.53 26.49 8.27
N GLY A 296 7.03 26.29 7.04
CA GLY A 296 6.22 27.30 6.39
C GLY A 296 4.78 27.29 6.84
N THR A 297 4.06 28.34 6.44
CA THR A 297 2.66 28.45 6.80
C THR A 297 1.82 27.42 6.05
N PHE A 298 0.80 26.95 6.74
CA PHE A 298 -0.08 25.93 6.18
C PHE A 298 -1.02 26.57 5.15
N LYS A 299 -1.11 25.94 3.98
CA LYS A 299 -2.00 26.34 2.91
C LYS A 299 -3.28 25.51 2.97
N SER A 300 -4.41 26.16 3.20
N SER A 300 -4.39 26.16 3.22
CA SER A 300 -5.70 25.47 3.26
CA SER A 300 -5.69 25.51 3.23
C SER A 300 -6.21 25.30 1.83
C SER A 300 -6.14 25.31 1.78
N THR A 301 -6.28 24.06 1.36
CA THR A 301 -6.69 23.75 0.01
C THR A 301 -7.09 22.29 -0.02
N SER A 302 -8.19 21.97 -0.70
CA SER A 302 -8.69 20.59 -0.74
C SER A 302 -7.90 19.77 -1.75
N ILE A 303 -7.40 18.62 -1.31
CA ILE A 303 -6.62 17.72 -2.17
C ILE A 303 -7.27 16.36 -2.06
N ASP A 304 -8.01 15.96 -3.10
CA ASP A 304 -8.61 14.63 -3.14
C ASP A 304 -7.53 13.60 -3.44
N GLY A 305 -7.55 12.46 -2.77
CA GLY A 305 -6.59 11.43 -3.11
C GLY A 305 -6.93 10.13 -2.42
N ILE A 306 -6.09 9.13 -2.63
CA ILE A 306 -6.36 7.81 -2.09
C ILE A 306 -5.30 7.43 -1.08
N ALA A 307 -5.71 6.69 -0.06
CA ALA A 307 -4.78 6.11 0.91
C ALA A 307 -4.37 4.75 0.36
N ASP A 308 -3.11 4.62 -0.09
CA ASP A 308 -2.66 3.46 -0.87
C ASP A 308 -1.34 2.90 -0.33
N THR A 309 -1.46 1.85 0.49
CA THR A 309 -0.25 1.22 1.05
C THR A 309 0.58 0.53 -0.01
N GLY A 310 0.02 0.20 -1.17
CA GLY A 310 0.75 -0.45 -2.23
C GLY A 310 1.52 0.47 -3.16
N THR A 311 1.46 1.78 -2.96
CA THR A 311 2.25 2.75 -3.71
C THR A 311 3.34 3.27 -2.78
N THR A 312 4.57 3.33 -3.28
CA THR A 312 5.70 3.70 -2.43
C THR A 312 5.69 5.17 -2.06
N LEU A 313 5.46 6.04 -3.04
CA LEU A 313 5.69 7.47 -2.89
C LEU A 313 4.39 8.26 -2.68
N LEU A 314 4.57 9.56 -2.44
CA LEU A 314 3.47 10.52 -2.28
C LEU A 314 3.34 11.31 -3.57
N TYR A 315 2.20 11.15 -4.26
CA TYR A 315 1.94 11.77 -5.56
C TYR A 315 0.85 12.84 -5.39
N LEU A 316 1.22 14.09 -5.64
CA LEU A 316 0.37 15.25 -5.35
C LEU A 316 0.34 16.19 -6.54
N PRO A 317 -0.56 17.18 -6.56
CA PRO A 317 -0.63 18.07 -7.73
C PRO A 317 0.69 18.79 -7.96
N ALA A 318 0.91 19.12 -9.23
CA ALA A 318 2.18 19.72 -9.64
C ALA A 318 2.48 21.01 -8.89
N THR A 319 1.45 21.80 -8.58
CA THR A 319 1.67 23.05 -7.84
C THR A 319 2.27 22.76 -6.47
N VAL A 320 1.70 21.78 -5.76
CA VAL A 320 2.15 21.43 -4.41
C VAL A 320 3.58 20.89 -4.46
N VAL A 321 3.84 20.01 -5.42
CA VAL A 321 5.14 19.37 -5.54
C VAL A 321 6.23 20.39 -5.88
N SER A 322 5.91 21.34 -6.78
CA SER A 322 6.85 22.40 -7.11
C SER A 322 7.17 23.25 -5.88
N ALA A 323 6.15 23.57 -5.08
CA ALA A 323 6.38 24.37 -3.88
C ALA A 323 7.29 23.65 -2.90
N TYR A 324 7.17 22.33 -2.80
CA TYR A 324 8.06 21.55 -1.94
C TYR A 324 9.51 21.60 -2.43
N TRP A 325 9.74 21.20 -3.68
CA TRP A 325 11.09 21.05 -4.19
C TRP A 325 11.79 22.39 -4.38
N ALA A 326 11.04 23.48 -4.52
CA ALA A 326 11.63 24.80 -4.57
C ALA A 326 12.40 25.15 -3.30
N GLN A 327 12.13 24.46 -2.19
CA GLN A 327 12.83 24.69 -0.94
C GLN A 327 14.13 23.90 -0.83
N VAL A 328 14.49 23.10 -1.83
CA VAL A 328 15.67 22.24 -1.80
C VAL A 328 16.65 22.74 -2.86
N SER A 329 17.79 23.26 -2.44
N SER A 329 17.80 23.24 -2.44
CA SER A 329 18.79 23.76 -3.38
CA SER A 329 18.76 23.82 -3.38
C SER A 329 19.20 22.66 -4.35
C SER A 329 19.29 22.74 -4.33
N GLY A 330 19.15 22.99 -5.63
CA GLY A 330 19.57 22.08 -6.67
C GLY A 330 18.54 21.05 -7.09
N ALA A 331 17.37 21.02 -6.48
CA ALA A 331 16.34 20.07 -6.91
C ALA A 331 15.76 20.49 -8.25
N LYS A 332 15.38 19.50 -9.04
CA LYS A 332 14.82 19.77 -10.36
C LYS A 332 14.01 18.56 -10.80
N SER A 333 13.07 18.81 -11.71
CA SER A 333 12.36 17.72 -12.35
C SER A 333 13.14 17.26 -13.57
N SER A 334 13.44 15.97 -13.62
CA SER A 334 14.24 15.36 -14.66
C SER A 334 13.33 14.48 -15.51
N SER A 335 13.18 14.86 -16.77
CA SER A 335 12.42 14.01 -17.69
C SER A 335 13.13 12.69 -17.94
N SER A 336 14.47 12.69 -17.93
CA SER A 336 15.19 11.45 -18.21
C SER A 336 15.08 10.47 -17.05
N VAL A 337 15.06 10.97 -15.82
CA VAL A 337 14.95 10.08 -14.68
C VAL A 337 13.50 9.72 -14.42
N GLY A 338 12.56 10.62 -14.70
CA GLY A 338 11.15 10.38 -14.45
C GLY A 338 10.57 11.04 -13.23
N GLY A 339 11.15 12.13 -12.76
CA GLY A 339 10.59 12.85 -11.64
C GLY A 339 11.60 13.81 -11.05
N TYR A 340 11.23 14.36 -9.91
CA TYR A 340 12.11 15.24 -9.16
C TYR A 340 13.28 14.48 -8.56
N VAL A 341 14.46 15.05 -8.74
CA VAL A 341 15.71 14.59 -8.15
C VAL A 341 16.32 15.76 -7.39
N PHE A 342 17.22 15.43 -6.49
CA PHE A 342 17.83 16.45 -5.65
C PHE A 342 19.24 16.00 -5.27
N PRO A 343 20.10 16.92 -4.86
CA PRO A 343 21.46 16.50 -4.48
C PRO A 343 21.43 15.59 -3.26
N CYS A 344 22.16 14.48 -3.33
CA CYS A 344 22.17 13.56 -2.19
C CYS A 344 22.75 14.21 -0.94
N SER A 345 23.50 15.30 -1.10
CA SER A 345 24.04 16.04 0.03
C SER A 345 23.01 16.87 0.77
N ALA A 346 21.79 17.02 0.26
CA ALA A 346 20.78 17.84 0.91
C ALA A 346 20.18 17.17 2.13
N THR A 347 19.80 17.99 3.11
CA THR A 347 18.88 17.61 4.17
C THR A 347 17.51 18.19 3.81
N LEU A 348 16.51 17.34 3.68
CA LEU A 348 15.23 17.73 3.12
C LEU A 348 14.32 18.35 4.18
N PRO A 349 13.45 19.28 3.79
CA PRO A 349 12.43 19.79 4.70
C PRO A 349 11.31 18.75 4.89
N SER A 350 10.61 18.86 6.01
CA SER A 350 9.43 18.06 6.23
C SER A 350 8.30 18.51 5.30
N PHE A 351 7.25 17.69 5.24
CA PHE A 351 6.03 17.99 4.51
C PHE A 351 4.86 17.65 5.42
N THR A 352 3.95 18.61 5.63
CA THR A 352 2.76 18.42 6.44
C THR A 352 1.54 18.31 5.55
N PHE A 353 0.65 17.34 5.84
CA PHE A 353 -0.66 17.30 5.20
C PHE A 353 -1.77 17.39 6.23
N GLY A 354 -2.88 18.00 5.82
CA GLY A 354 -4.02 18.17 6.70
C GLY A 354 -5.01 17.01 6.63
N VAL A 355 -5.53 16.66 7.80
CA VAL A 355 -6.63 15.72 7.94
C VAL A 355 -7.65 16.44 8.81
N GLY A 356 -8.71 16.98 8.18
CA GLY A 356 -9.58 17.89 8.90
C GLY A 356 -8.74 19.01 9.50
N SER A 357 -8.98 19.30 10.77
CA SER A 357 -8.20 20.32 11.46
C SER A 357 -6.88 19.80 12.00
N ALA A 358 -6.60 18.52 11.84
CA ALA A 358 -5.36 17.94 12.32
C ALA A 358 -4.29 17.97 11.24
N ARG A 359 -3.08 17.64 11.66
CA ARG A 359 -1.90 17.75 10.80
C ARG A 359 -1.01 16.53 10.99
N ILE A 360 -0.55 15.94 9.89
CA ILE A 360 0.42 14.84 9.91
C ILE A 360 1.71 15.36 9.29
N VAL A 361 2.81 15.23 10.02
CA VAL A 361 4.11 15.73 9.58
C VAL A 361 4.97 14.58 9.09
N ILE A 362 5.37 14.64 7.83
CA ILE A 362 6.30 13.68 7.23
C ILE A 362 7.70 14.24 7.39
N PRO A 363 8.58 13.63 8.20
CA PRO A 363 9.95 14.16 8.32
C PRO A 363 10.67 14.14 6.98
N GLY A 364 11.59 15.10 6.82
CA GLY A 364 12.32 15.20 5.57
C GLY A 364 13.02 13.92 5.17
N ASP A 365 13.60 13.20 6.14
CA ASP A 365 14.33 11.99 5.75
C ASP A 365 13.42 10.95 5.09
N TYR A 366 12.12 10.98 5.36
CA TYR A 366 11.22 10.01 4.76
C TYR A 366 11.08 10.23 3.25
N ILE A 367 11.49 11.40 2.76
CA ILE A 367 11.32 11.83 1.39
C ILE A 367 12.57 11.54 0.54
N ASP A 368 13.62 10.98 1.15
CA ASP A 368 14.86 10.65 0.45
C ASP A 368 14.83 9.17 0.01
N PHE A 369 14.80 8.95 -1.31
CA PHE A 369 14.81 7.60 -1.88
C PHE A 369 16.15 7.23 -2.52
N GLY A 370 17.20 7.95 -2.16
CA GLY A 370 18.55 7.51 -2.44
C GLY A 370 18.96 7.73 -3.89
N PRO A 371 20.20 7.32 -4.21
CA PRO A 371 20.75 7.59 -5.54
C PRO A 371 19.88 7.05 -6.66
N ILE A 372 19.83 7.82 -7.76
CA ILE A 372 19.02 7.40 -8.90
C ILE A 372 19.57 6.15 -9.55
N SER A 373 20.88 5.94 -9.44
CA SER A 373 21.59 4.78 -9.92
C SER A 373 22.75 4.59 -8.96
N THR A 374 23.26 3.37 -8.89
CA THR A 374 24.28 3.09 -7.91
C THR A 374 25.48 4.05 -8.02
N GLY A 375 25.84 4.67 -6.91
CA GLY A 375 26.98 5.57 -6.85
C GLY A 375 26.73 6.99 -7.30
N SER A 376 25.54 7.30 -7.78
CA SER A 376 25.21 8.66 -8.20
C SER A 376 25.06 9.58 -7.00
N SER A 377 25.39 10.85 -7.18
CA SER A 377 25.11 11.89 -6.20
C SER A 377 23.79 12.61 -6.44
N SER A 378 22.98 12.14 -7.41
N SER A 378 23.01 12.17 -7.43
CA SER A 378 21.63 12.63 -7.61
CA SER A 378 21.64 12.63 -7.57
C SER A 378 20.65 11.65 -7.00
C SER A 378 20.71 11.63 -6.93
N CYS A 379 19.81 12.13 -6.09
CA CYS A 379 18.90 11.27 -5.32
C CYS A 379 17.45 11.48 -5.79
N PHE A 380 16.65 10.42 -5.66
CA PHE A 380 15.28 10.46 -6.13
C PHE A 380 14.33 10.92 -5.02
N GLY A 381 13.44 11.86 -5.36
CA GLY A 381 12.51 12.39 -4.37
C GLY A 381 11.34 11.48 -4.05
N GLY A 382 10.87 11.57 -2.81
CA GLY A 382 9.72 10.80 -2.39
C GLY A 382 8.38 11.47 -2.52
N ILE A 383 8.37 12.73 -2.93
CA ILE A 383 7.17 13.48 -3.30
C ILE A 383 7.29 13.77 -4.80
N GLN A 384 6.29 13.35 -5.57
CA GLN A 384 6.30 13.45 -7.02
C GLN A 384 4.96 13.94 -7.50
N SER A 385 4.94 14.47 -8.72
CA SER A 385 3.71 14.96 -9.31
C SER A 385 2.78 13.81 -9.70
N SER A 386 1.48 14.02 -9.41
CA SER A 386 0.44 13.12 -9.88
C SER A 386 -0.06 13.49 -11.26
N ALA A 387 0.50 14.52 -11.90
CA ALA A 387 -0.02 14.94 -13.19
C ALA A 387 0.14 13.81 -14.19
N GLY A 388 -0.95 13.45 -14.84
CA GLY A 388 -0.89 12.31 -15.75
C GLY A 388 -1.22 10.98 -15.11
N ILE A 389 -1.32 10.90 -13.78
CA ILE A 389 -1.89 9.72 -13.12
C ILE A 389 -3.41 9.79 -13.12
N GLY A 390 -3.96 10.99 -12.95
CA GLY A 390 -5.39 11.15 -12.83
C GLY A 390 -5.93 11.08 -11.43
N ILE A 391 -5.07 10.82 -10.43
CA ILE A 391 -5.50 10.79 -9.04
C ILE A 391 -4.26 11.09 -8.20
N ASN A 392 -4.48 11.76 -7.06
CA ASN A 392 -3.42 11.93 -6.08
C ASN A 392 -3.34 10.68 -5.20
N ILE A 393 -2.13 10.32 -4.80
CA ILE A 393 -1.90 9.07 -4.07
C ILE A 393 -1.11 9.36 -2.81
N PHE A 394 -1.75 9.12 -1.66
CA PHE A 394 -1.07 9.13 -0.37
C PHE A 394 -0.52 7.74 -0.15
N GLY A 395 0.67 7.49 -0.73
CA GLY A 395 1.36 6.22 -0.61
C GLY A 395 2.18 6.14 0.66
N ASP A 396 3.09 5.16 0.69
CA ASP A 396 3.78 4.82 1.92
C ASP A 396 4.50 6.01 2.55
N VAL A 397 5.10 6.89 1.73
CA VAL A 397 5.79 8.06 2.27
C VAL A 397 4.91 8.83 3.22
N ALA A 398 3.65 9.03 2.87
CA ALA A 398 2.71 9.71 3.73
C ALA A 398 2.19 8.81 4.83
N LEU A 399 1.74 7.60 4.47
CA LEU A 399 1.07 6.77 5.47
C LEU A 399 2.00 6.34 6.60
N LYS A 400 3.29 6.16 6.33
N LYS A 400 3.29 6.17 6.33
CA LYS A 400 4.17 5.68 7.39
CA LYS A 400 4.21 5.70 7.36
C LYS A 400 4.48 6.76 8.43
C LYS A 400 4.40 6.75 8.45
N ALA A 401 4.07 8.01 8.18
CA ALA A 401 4.15 9.06 9.19
C ALA A 401 2.96 9.05 10.15
N ALA A 402 2.00 8.15 9.93
CA ALA A 402 0.76 8.15 10.70
C ALA A 402 0.38 6.74 11.13
N PHE A 403 -0.53 6.67 12.09
CA PHE A 403 -1.31 5.47 12.39
C PHE A 403 -2.63 5.66 11.66
N VAL A 404 -2.96 4.73 10.76
CA VAL A 404 -4.07 4.92 9.82
C VAL A 404 -5.13 3.85 10.04
N VAL A 405 -6.37 4.30 10.26
CA VAL A 405 -7.52 3.44 10.46
C VAL A 405 -8.33 3.40 9.18
N PHE A 406 -8.51 2.19 8.65
CA PHE A 406 -9.38 1.91 7.51
C PHE A 406 -10.68 1.36 8.10
N ASN A 407 -11.67 2.23 8.25
CA ASN A 407 -12.90 1.92 8.95
C ASN A 407 -13.93 1.44 7.92
N GLY A 408 -14.22 0.14 7.97
CA GLY A 408 -15.15 -0.49 7.06
C GLY A 408 -16.56 -0.64 7.61
N ALA A 409 -16.97 0.27 8.49
CA ALA A 409 -18.36 0.35 8.91
C ALA A 409 -19.26 0.64 7.71
N THR A 410 -20.56 0.58 7.97
CA THR A 410 -21.55 0.74 6.90
C THR A 410 -21.26 1.96 6.03
N THR A 411 -20.92 3.09 6.66
CA THR A 411 -20.35 4.21 5.93
C THR A 411 -18.85 4.22 6.19
N PRO A 412 -18.00 3.80 5.26
CA PRO A 412 -16.56 3.78 5.55
C PRO A 412 -16.01 5.17 5.80
N THR A 413 -14.98 5.23 6.64
CA THR A 413 -14.20 6.44 6.87
C THR A 413 -12.73 6.06 7.03
N LEU A 414 -11.89 7.08 7.05
CA LEU A 414 -10.46 6.91 7.31
C LEU A 414 -10.09 7.73 8.53
N GLY A 415 -9.25 7.18 9.38
CA GLY A 415 -8.71 7.90 10.52
C GLY A 415 -7.19 8.01 10.46
N PHE A 416 -6.68 9.15 10.89
CA PHE A 416 -5.24 9.38 10.96
C PHE A 416 -4.87 9.92 12.32
N ALA A 417 -3.81 9.36 12.91
CA ALA A 417 -3.20 9.89 14.13
C ALA A 417 -1.71 10.00 13.93
N SER A 418 -1.10 10.97 14.62
CA SER A 418 0.34 11.01 14.75
C SER A 418 0.82 9.84 15.63
N LYS A 419 2.13 9.57 15.57
CA LYS A 419 2.66 8.44 16.32
C LYS A 419 4.14 8.63 16.63
#